data_5MY9
#
_entry.id   5MY9
#
_cell.length_a   82.291
_cell.length_b   112.030
_cell.length_c   62.430
_cell.angle_alpha   90.00
_cell.angle_beta   90.00
_cell.angle_gamma   90.00
#
_symmetry.space_group_name_H-M   'C 2 2 21'
#
loop_
_entity.id
_entity.type
_entity.pdbx_description
1 polymer '14-3-3 protein sigma'
2 polymer 'Leucine-rich repeat serine/threonine-protein kinase 2'
3 non-polymer 'CALCIUM ION'
4 non-polymer 'CHLORIDE ION'
5 water water
#
loop_
_entity_poly.entity_id
_entity_poly.type
_entity_poly.pdbx_seq_one_letter_code
_entity_poly.pdbx_strand_id
1 'polypeptide(L)'
;GAMGSMERASLIQKAKLAEQAERYEDMAAFMKGAVEKGEELSCEERNLLSVAYKNVVGGQRAAWRVLSSIEQKSNEEGSE
EKGPEVREYREKVETELQGVCDTVLGLLDSHLIKEAGDAESRVFYLKMKGDYYRYLAEVATGDDKKRIIDSARSAYQEAM
DISKKEMPPTNPIRLGLALNFSVFHYEIANSPEEAISLAKTTFDEAMADLHTLSEDSYKDSTLIMQLLRDNLTLWT
;
A
2 'polypeptide(L)' LQRHSN(SEP)LGPIFD P
#
# COMPACT_ATOMS: atom_id res chain seq x y z
N GLY A 1 22.33 3.24 -11.17
CA GLY A 1 21.96 2.82 -9.83
C GLY A 1 23.09 2.09 -9.13
N ALA A 2 23.18 2.26 -7.81
CA ALA A 2 24.25 1.66 -7.04
C ALA A 2 24.17 0.14 -7.02
N MET A 3 23.01 -0.46 -7.34
CA MET A 3 22.90 -1.91 -7.42
C MET A 3 23.15 -2.45 -8.81
N GLY A 4 23.51 -1.60 -9.77
CA GLY A 4 23.67 -2.02 -11.15
C GLY A 4 24.73 -3.09 -11.36
N SER A 5 25.73 -3.15 -10.47
CA SER A 5 26.80 -4.13 -10.61
CA SER A 5 26.81 -4.12 -10.60
C SER A 5 26.53 -5.44 -9.90
N MET A 6 25.45 -5.57 -9.15
CA MET A 6 25.17 -6.79 -8.41
C MET A 6 24.22 -7.69 -9.19
N GLU A 7 24.49 -8.99 -9.15
CA GLU A 7 23.63 -9.99 -9.79
C GLU A 7 22.20 -9.92 -9.26
N ARG A 8 21.24 -10.16 -10.16
CA ARG A 8 19.84 -10.22 -9.77
C ARG A 8 19.63 -11.19 -8.62
N ALA A 9 20.18 -12.41 -8.73
CA ALA A 9 19.95 -13.40 -7.69
C ALA A 9 20.58 -12.98 -6.37
N SER A 10 21.72 -12.29 -6.43
CA SER A 10 22.36 -11.81 -5.21
C SER A 10 21.54 -10.71 -4.55
N LEU A 11 20.94 -9.83 -5.37
CA LEU A 11 20.06 -8.80 -4.81
C LEU A 11 18.87 -9.42 -4.08
N ILE A 12 18.27 -10.46 -4.68
CA ILE A 12 17.13 -11.12 -4.04
C ILE A 12 17.57 -11.81 -2.76
N GLN A 13 18.71 -12.51 -2.79
CA GLN A 13 19.24 -13.14 -1.59
C GLN A 13 19.48 -12.13 -0.49
N LYS A 14 20.09 -11.00 -0.83
CA LYS A 14 20.33 -9.96 0.17
C LYS A 14 19.04 -9.31 0.66
N ALA A 15 18.02 -9.17 -0.20
CA ALA A 15 16.76 -8.64 0.29
C ALA A 15 16.17 -9.55 1.37
N LYS A 16 16.32 -10.87 1.20
CA LYS A 16 15.81 -11.79 2.21
C LYS A 16 16.60 -11.70 3.50
N LEU A 17 17.92 -11.52 3.39
CA LEU A 17 18.75 -11.30 4.57
C LEU A 17 18.37 -10.01 5.28
N ALA A 18 18.19 -8.94 4.51
CA ALA A 18 17.80 -7.66 5.08
C ALA A 18 16.47 -7.78 5.83
N GLU A 19 15.52 -8.55 5.28
CA GLU A 19 14.26 -8.74 5.99
C GLU A 19 14.48 -9.42 7.34
N GLN A 20 15.31 -10.45 7.38
CA GLN A 20 15.59 -11.14 8.64
C GLN A 20 16.24 -10.21 9.64
N ALA A 21 17.05 -9.28 9.16
CA ALA A 21 17.77 -8.33 10.00
C ALA A 21 16.95 -7.08 10.30
N GLU A 22 15.72 -7.01 9.78
CA GLU A 22 14.85 -5.84 9.94
C GLU A 22 15.50 -4.56 9.40
N ARG A 23 16.22 -4.69 8.30
CA ARG A 23 16.90 -3.58 7.63
C ARG A 23 16.09 -3.28 6.37
N TYR A 24 14.96 -2.61 6.56
CA TYR A 24 14.01 -2.48 5.47
CA TYR A 24 13.99 -2.47 5.48
C TYR A 24 14.42 -1.47 4.42
N GLU A 25 15.16 -0.43 4.80
CA GLU A 25 15.73 0.47 3.80
CA GLU A 25 15.72 0.47 3.81
C GLU A 25 16.68 -0.28 2.87
N ASP A 26 17.57 -1.10 3.45
CA ASP A 26 18.44 -1.95 2.62
C ASP A 26 17.60 -2.88 1.77
N MET A 27 16.59 -3.51 2.37
CA MET A 27 15.72 -4.43 1.64
C MET A 27 15.11 -3.76 0.42
N ALA A 28 14.60 -2.53 0.60
CA ALA A 28 13.97 -1.82 -0.51
C ALA A 28 15.00 -1.48 -1.59
N ALA A 29 16.19 -1.05 -1.19
CA ALA A 29 17.22 -0.74 -2.18
C ALA A 29 17.61 -1.98 -2.98
N PHE A 30 17.72 -3.14 -2.31
CA PHE A 30 18.05 -4.37 -3.02
C PHE A 30 16.94 -4.72 -4.01
N MET A 31 15.69 -4.61 -3.58
CA MET A 31 14.58 -4.98 -4.45
C MET A 31 14.41 -3.99 -5.60
N LYS A 32 14.66 -2.70 -5.36
CA LYS A 32 14.70 -1.75 -6.46
C LYS A 32 15.75 -2.15 -7.48
N GLY A 33 16.95 -2.51 -7.01
CA GLY A 33 17.97 -3.00 -7.91
C GLY A 33 17.51 -4.22 -8.70
N ALA A 34 16.81 -5.15 -8.05
CA ALA A 34 16.33 -6.33 -8.76
C ALA A 34 15.30 -5.96 -9.82
N VAL A 35 14.36 -5.08 -9.50
CA VAL A 35 13.38 -4.64 -10.50
C VAL A 35 14.09 -4.02 -11.69
N GLU A 36 15.11 -3.20 -11.42
CA GLU A 36 15.78 -2.49 -12.49
C GLU A 36 16.58 -3.39 -13.43
N LYS A 37 16.74 -4.68 -13.09
CA LYS A 37 17.33 -5.62 -14.04
C LYS A 37 16.46 -5.80 -15.26
N GLY A 38 15.18 -5.46 -15.17
CA GLY A 38 14.28 -5.44 -16.32
C GLY A 38 13.47 -6.70 -16.51
N GLU A 39 13.76 -7.76 -15.78
CA GLU A 39 12.97 -8.97 -15.87
C GLU A 39 11.73 -8.86 -15.01
N GLU A 40 10.68 -9.59 -15.40
CA GLU A 40 9.48 -9.65 -14.56
C GLU A 40 9.82 -10.30 -13.21
N LEU A 41 8.98 -10.04 -12.21
CA LEU A 41 9.17 -10.58 -10.87
C LEU A 41 8.25 -11.76 -10.63
N SER A 42 8.78 -12.77 -9.94
CA SER A 42 7.97 -13.89 -9.48
C SER A 42 7.05 -13.46 -8.34
N CYS A 43 6.15 -14.35 -7.96
CA CYS A 43 5.23 -14.04 -6.87
C CYS A 43 6.00 -13.72 -5.59
N GLU A 44 7.00 -14.54 -5.26
CA GLU A 44 7.77 -14.31 -4.04
C GLU A 44 8.52 -12.99 -4.12
N GLU A 45 9.09 -12.69 -5.29
CA GLU A 45 9.83 -11.45 -5.46
C GLU A 45 8.91 -10.22 -5.36
N ARG A 46 7.68 -10.31 -5.92
CA ARG A 46 6.72 -9.22 -5.75
C ARG A 46 6.44 -8.96 -4.28
N ASN A 47 6.31 -10.02 -3.50
CA ASN A 47 6.01 -9.87 -2.08
C ASN A 47 7.19 -9.25 -1.34
N LEU A 48 8.43 -9.60 -1.74
CA LEU A 48 9.58 -8.97 -1.12
C LEU A 48 9.61 -7.48 -1.39
N LEU A 49 9.31 -7.09 -2.64
CA LEU A 49 9.27 -5.68 -3.00
C LEU A 49 8.23 -4.93 -2.16
N SER A 50 7.04 -5.52 -2.01
CA SER A 50 5.97 -4.89 -1.25
C SER A 50 6.32 -4.79 0.23
N VAL A 51 6.83 -5.87 0.82
CA VAL A 51 7.19 -5.84 2.24
C VAL A 51 8.23 -4.76 2.51
N ALA A 52 9.23 -4.65 1.65
CA ALA A 52 10.32 -3.70 1.87
C ALA A 52 9.78 -2.27 1.90
N TYR A 53 9.07 -1.88 0.83
CA TYR A 53 8.61 -0.50 0.76
C TYR A 53 7.49 -0.23 1.75
N LYS A 54 6.66 -1.24 2.08
CA LYS A 54 5.60 -1.02 3.06
C LYS A 54 6.19 -0.64 4.41
N ASN A 55 7.29 -1.30 4.78
CA ASN A 55 7.94 -1.01 6.05
C ASN A 55 8.64 0.35 6.03
N VAL A 56 9.31 0.68 4.93
CA VAL A 56 9.95 1.99 4.82
C VAL A 56 8.91 3.10 4.92
N VAL A 57 7.89 3.06 4.07
CA VAL A 57 6.88 4.12 4.08
C VAL A 57 6.07 4.08 5.37
N GLY A 58 5.93 2.90 5.99
CA GLY A 58 5.18 2.83 7.24
C GLY A 58 5.86 3.62 8.34
N GLY A 59 7.19 3.53 8.42
CA GLY A 59 7.91 4.33 9.39
C GLY A 59 7.79 5.82 9.11
N GLN A 60 7.86 6.21 7.84
CA GLN A 60 7.69 7.62 7.47
C GLN A 60 6.29 8.12 7.79
N ARG A 61 5.26 7.33 7.49
CA ARG A 61 3.88 7.74 7.78
C ARG A 61 3.67 7.92 9.28
N ALA A 62 4.20 6.99 10.08
CA ALA A 62 4.05 7.10 11.52
C ALA A 62 4.72 8.37 12.04
N ALA A 63 5.92 8.67 11.53
CA ALA A 63 6.63 9.88 11.96
C ALA A 63 5.89 11.12 11.49
N TRP A 64 5.39 11.12 10.25
CA TRP A 64 4.63 12.25 9.74
C TRP A 64 3.40 12.51 10.58
N ARG A 65 2.71 11.47 11.04
CA ARG A 65 1.52 11.66 11.86
C ARG A 65 1.87 12.28 13.21
N VAL A 66 2.98 11.85 13.81
CA VAL A 66 3.42 12.44 15.07
C VAL A 66 3.68 13.94 14.89
N LEU A 67 4.44 14.28 13.85
CA LEU A 67 4.83 15.68 13.63
C LEU A 67 3.65 16.53 13.23
N SER A 68 2.75 15.99 12.39
CA SER A 68 1.54 16.73 12.01
CA SER A 68 1.54 16.73 12.01
C SER A 68 0.68 17.04 13.22
N SER A 69 0.56 16.07 14.15
CA SER A 69 -0.25 16.30 15.35
C SER A 69 0.37 17.40 16.20
N ILE A 70 1.69 17.40 16.33
CA ILE A 70 2.37 18.45 17.08
C ILE A 70 2.16 19.80 16.41
N GLU A 71 2.26 19.83 15.08
CA GLU A 71 2.10 21.07 14.33
C GLU A 71 0.68 21.64 14.50
N GLN A 72 -0.34 20.78 14.43
CA GLN A 72 -1.70 21.28 14.59
C GLN A 72 -1.97 21.78 16.01
N LYS A 73 -1.40 21.13 17.02
CA LYS A 73 -1.55 21.62 18.38
C LYS A 73 -0.92 23.00 18.55
N SER A 74 0.21 23.23 17.88
CA SER A 74 0.84 24.54 17.92
C SER A 74 -0.01 25.63 17.28
N ASN A 75 -1.05 25.26 16.56
CA ASN A 75 -1.93 26.23 15.94
C ASN A 75 -3.23 26.40 16.66
N GLU A 76 -3.36 25.81 17.84
CA GLU A 76 -4.55 25.96 18.62
C GLU A 76 -4.41 27.23 19.42
N GLU A 77 -5.52 27.85 19.76
N GLU A 77 -5.54 27.79 19.83
CA GLU A 77 -5.51 29.08 20.51
CA GLU A 77 -5.57 29.08 20.51
C GLU A 77 -4.85 28.87 21.84
C GLU A 77 -4.92 28.91 21.88
N GLY A 78 -4.00 29.81 22.24
CA GLY A 78 -3.34 29.69 23.53
C GLY A 78 -2.01 29.01 23.46
N SER A 79 -1.71 28.53 22.28
CA SER A 79 -0.44 27.85 22.06
C SER A 79 0.67 28.82 21.86
N GLU A 80 1.78 28.56 22.51
CA GLU A 80 2.94 29.39 22.43
C GLU A 80 3.65 29.26 21.09
N GLU A 81 4.00 30.37 20.50
CA GLU A 81 4.71 30.33 19.22
C GLU A 81 6.12 29.78 19.43
N LYS A 82 6.47 28.76 18.64
CA LYS A 82 7.77 28.12 18.76
C LYS A 82 8.64 28.32 17.53
N GLY A 83 8.19 29.06 16.53
CA GLY A 83 8.97 29.28 15.35
C GLY A 83 8.71 28.23 14.28
N PRO A 84 9.57 28.20 13.26
CA PRO A 84 9.31 27.38 12.08
C PRO A 84 9.74 25.92 12.19
N GLU A 85 10.34 25.51 13.31
CA GLU A 85 11.04 24.22 13.33
C GLU A 85 10.08 23.05 13.15
N VAL A 86 8.91 23.07 13.79
CA VAL A 86 7.99 21.94 13.66
C VAL A 86 7.55 21.78 12.20
N ARG A 87 7.14 22.89 11.58
CA ARG A 87 6.75 22.85 10.17
C ARG A 87 7.91 22.37 9.30
N GLU A 88 9.11 22.92 9.54
CA GLU A 88 10.26 22.52 8.74
C GLU A 88 10.52 21.02 8.81
N TYR A 89 10.48 20.47 10.01
CA TYR A 89 10.81 19.06 10.18
C TYR A 89 9.69 18.17 9.66
N ARG A 90 8.44 18.59 9.85
CA ARG A 90 7.34 17.86 9.22
C ARG A 90 7.47 17.87 7.71
N GLU A 91 7.87 19.01 7.13
CA GLU A 91 8.07 19.09 5.69
CA GLU A 91 8.07 19.09 5.69
C GLU A 91 9.22 18.20 5.24
N LYS A 92 10.25 18.09 6.07
CA LYS A 92 11.39 17.23 5.72
C LYS A 92 10.95 15.77 5.63
N VAL A 93 10.23 15.30 6.65
CA VAL A 93 9.75 13.92 6.63
C VAL A 93 8.78 13.72 5.48
N GLU A 94 7.92 14.70 5.25
CA GLU A 94 6.92 14.62 4.18
C GLU A 94 7.58 14.50 2.81
N THR A 95 8.62 15.30 2.57
CA THR A 95 9.32 15.24 1.30
C THR A 95 10.00 13.90 1.09
N GLU A 96 10.58 13.34 2.17
CA GLU A 96 11.20 12.02 2.07
CA GLU A 96 11.20 12.02 2.04
C GLU A 96 10.16 10.95 1.77
N LEU A 97 9.00 11.03 2.42
CA LEU A 97 7.91 10.09 2.18
C LEU A 97 7.45 10.18 0.73
N GLN A 98 7.24 11.41 0.25
CA GLN A 98 6.83 11.59 -1.14
C GLN A 98 7.87 11.02 -2.09
N GLY A 99 9.15 11.16 -1.75
CA GLY A 99 10.20 10.59 -2.60
C GLY A 99 10.13 9.07 -2.68
N VAL A 100 9.83 8.41 -1.56
CA VAL A 100 9.69 6.96 -1.57
C VAL A 100 8.49 6.55 -2.42
N CYS A 101 7.36 7.25 -2.23
CA CYS A 101 6.18 6.93 -3.05
C CYS A 101 6.46 7.14 -4.54
N ASP A 102 7.12 8.25 -4.88
CA ASP A 102 7.48 8.48 -6.28
C ASP A 102 8.40 7.38 -6.80
N THR A 103 9.32 6.88 -5.96
CA THR A 103 10.21 5.80 -6.40
C THR A 103 9.41 4.55 -6.72
N VAL A 104 8.49 4.17 -5.83
CA VAL A 104 7.68 2.97 -6.06
C VAL A 104 6.83 3.15 -7.30
N LEU A 105 6.15 4.30 -7.40
CA LEU A 105 5.32 4.57 -8.57
C LEU A 105 6.15 4.55 -9.85
N GLY A 106 7.39 5.03 -9.77
CA GLY A 106 8.26 4.98 -10.94
C GLY A 106 8.61 3.57 -11.37
N LEU A 107 8.84 2.68 -10.39
CA LEU A 107 9.13 1.29 -10.73
C LEU A 107 7.90 0.64 -11.38
N LEU A 108 6.72 0.95 -10.86
CA LEU A 108 5.50 0.39 -11.45
C LEU A 108 5.29 0.89 -12.87
N ASP A 109 5.59 2.16 -13.12
CA ASP A 109 5.38 2.72 -14.44
C ASP A 109 6.50 2.38 -15.42
N SER A 110 7.67 1.99 -14.92
CA SER A 110 8.83 1.71 -15.77
C SER A 110 9.56 0.49 -15.21
N HIS A 111 9.07 -0.72 -15.52
CA HIS A 111 7.96 -0.99 -16.45
C HIS A 111 7.15 -2.17 -15.94
N LEU A 112 6.95 -2.25 -14.62
CA LEU A 112 6.35 -3.46 -14.06
C LEU A 112 4.93 -3.68 -14.55
N ILE A 113 4.10 -2.63 -14.56
CA ILE A 113 2.70 -2.83 -14.89
C ILE A 113 2.53 -3.21 -16.35
N LYS A 114 3.25 -2.54 -17.25
CA LYS A 114 3.03 -2.78 -18.67
C LYS A 114 3.41 -4.20 -19.09
N GLU A 115 4.32 -4.85 -18.36
CA GLU A 115 4.73 -6.21 -18.67
CA GLU A 115 4.68 -6.21 -18.71
C GLU A 115 3.89 -7.26 -17.94
N ALA A 116 3.05 -6.85 -17.00
CA ALA A 116 2.30 -7.79 -16.16
C ALA A 116 1.00 -8.17 -16.87
N GLY A 117 0.94 -9.41 -17.36
CA GLY A 117 -0.22 -9.89 -18.08
C GLY A 117 -1.12 -10.84 -17.30
N ASP A 118 -0.53 -11.58 -16.37
CA ASP A 118 -1.33 -12.51 -15.59
C ASP A 118 -2.10 -11.74 -14.53
N ALA A 119 -3.30 -12.24 -14.19
CA ALA A 119 -4.13 -11.52 -13.24
C ALA A 119 -3.42 -11.30 -11.91
N GLU A 120 -2.66 -12.30 -11.45
CA GLU A 120 -2.06 -12.22 -10.12
C GLU A 120 -1.02 -11.11 -10.06
N SER A 121 -0.20 -10.97 -11.12
CA SER A 121 0.80 -9.92 -11.12
C SER A 121 0.18 -8.57 -11.41
N ARG A 122 -0.74 -8.50 -12.38
CA ARG A 122 -1.31 -7.21 -12.75
C ARG A 122 -2.13 -6.61 -11.62
N VAL A 123 -2.96 -7.43 -10.95
CA VAL A 123 -3.73 -6.94 -9.82
C VAL A 123 -2.81 -6.50 -8.69
N PHE A 124 -1.76 -7.29 -8.42
CA PHE A 124 -0.82 -6.93 -7.36
C PHE A 124 -0.21 -5.55 -7.61
N TYR A 125 0.25 -5.31 -8.84
CA TYR A 125 0.91 -4.03 -9.13
C TYR A 125 -0.07 -2.86 -9.14
N LEU A 126 -1.28 -3.07 -9.68
CA LEU A 126 -2.26 -1.99 -9.67
C LEU A 126 -2.70 -1.66 -8.25
N LYS A 127 -2.83 -2.67 -7.38
CA LYS A 127 -3.10 -2.40 -5.98
C LYS A 127 -1.98 -1.57 -5.37
N MET A 128 -0.73 -1.93 -5.67
CA MET A 128 0.40 -1.16 -5.16
CA MET A 128 0.41 -1.16 -5.17
C MET A 128 0.34 0.29 -5.63
N LYS A 129 0.00 0.49 -6.91
CA LYS A 129 -0.13 1.84 -7.43
C LYS A 129 -1.20 2.62 -6.66
N GLY A 130 -2.35 1.97 -6.39
CA GLY A 130 -3.36 2.62 -5.57
C GLY A 130 -2.86 2.94 -4.18
N ASP A 131 -2.15 2.02 -3.56
CA ASP A 131 -1.63 2.20 -2.21
C ASP A 131 -0.67 3.42 -2.12
N TYR A 132 0.26 3.52 -3.05
CA TYR A 132 1.26 4.60 -3.00
C TYR A 132 0.67 5.95 -3.36
N TYR A 133 -0.35 5.97 -4.22
CA TYR A 133 -1.05 7.21 -4.47
C TYR A 133 -1.87 7.59 -3.19
N ARG A 134 -2.38 6.58 -2.49
CA ARG A 134 -3.09 6.78 -1.26
C ARG A 134 -2.18 7.39 -0.20
N TYR A 135 -0.95 6.91 -0.13
CA TYR A 135 -0.01 7.48 0.84
C TYR A 135 0.34 8.93 0.48
N LEU A 136 0.48 9.22 -0.81
CA LEU A 136 0.64 10.61 -1.25
C LEU A 136 -0.58 11.44 -0.88
N ALA A 137 -1.78 10.87 -1.01
CA ALA A 137 -2.99 11.62 -0.70
C ALA A 137 -3.09 11.96 0.77
N GLU A 138 -2.53 11.11 1.64
CA GLU A 138 -2.61 11.35 3.08
C GLU A 138 -1.93 12.65 3.47
N VAL A 139 -0.93 13.08 2.69
CA VAL A 139 -0.15 14.28 3.01
C VAL A 139 -0.41 15.42 2.04
N ALA A 140 -1.24 15.21 1.02
CA ALA A 140 -1.47 16.23 0.00
C ALA A 140 -2.41 17.32 0.52
N THR A 141 -2.14 18.55 0.10
CA THR A 141 -2.96 19.71 0.45
C THR A 141 -3.12 20.74 -0.66
N GLY A 142 -2.40 20.61 -1.77
CA GLY A 142 -2.26 21.67 -2.75
C GLY A 142 -3.13 21.51 -3.98
N ASP A 143 -2.69 22.02 -5.12
CA ASP A 143 -3.48 22.07 -6.39
C ASP A 143 -3.83 20.67 -6.93
N ASP A 144 -3.01 19.72 -6.55
CA ASP A 144 -3.12 18.37 -7.05
C ASP A 144 -3.74 17.33 -6.15
N LYS A 145 -4.19 17.66 -4.96
CA LYS A 145 -4.76 16.69 -4.09
C LYS A 145 -5.90 15.87 -4.77
N LYS A 146 -6.75 16.58 -5.46
CA LYS A 146 -7.85 15.91 -6.14
C LYS A 146 -7.33 14.94 -7.19
N ARG A 147 -6.30 15.33 -7.94
CA ARG A 147 -5.77 14.44 -8.97
C ARG A 147 -5.05 13.25 -8.35
N ILE A 148 -4.40 13.44 -7.20
CA ILE A 148 -3.75 12.31 -6.52
C ILE A 148 -4.79 11.31 -6.06
N ILE A 149 -5.88 11.80 -5.47
CA ILE A 149 -6.95 10.93 -5.02
C ILE A 149 -7.54 10.18 -6.20
N ASP A 150 -7.77 10.87 -7.32
CA ASP A 150 -8.34 10.16 -8.46
C ASP A 150 -7.37 9.13 -9.05
N SER A 151 -6.06 9.40 -8.98
CA SER A 151 -5.08 8.41 -9.43
C SER A 151 -5.14 7.15 -8.58
N ALA A 152 -5.25 7.31 -7.25
CA ALA A 152 -5.41 6.14 -6.40
C ALA A 152 -6.68 5.38 -6.75
N ARG A 153 -7.80 6.11 -6.85
CA ARG A 153 -9.08 5.49 -7.15
CA ARG A 153 -9.08 5.49 -7.15
C ARG A 153 -9.03 4.72 -8.46
N SER A 154 -8.47 5.35 -9.51
CA SER A 154 -8.41 4.72 -10.82
C SER A 154 -7.60 3.42 -10.80
N ALA A 155 -6.45 3.42 -10.12
CA ALA A 155 -5.62 2.22 -10.04
C ALA A 155 -6.35 1.12 -9.28
N TYR A 156 -6.95 1.46 -8.13
CA TYR A 156 -7.72 0.47 -7.37
C TYR A 156 -8.86 -0.08 -8.20
N GLN A 157 -9.55 0.81 -8.94
CA GLN A 157 -10.71 0.37 -9.71
C GLN A 157 -10.32 -0.60 -10.82
N GLU A 158 -9.24 -0.29 -11.55
CA GLU A 158 -8.77 -1.23 -12.55
C GLU A 158 -8.38 -2.56 -11.94
N ALA A 159 -7.71 -2.53 -10.77
CA ALA A 159 -7.35 -3.77 -10.09
C ALA A 159 -8.60 -4.56 -9.68
N MET A 160 -9.62 -3.85 -9.19
CA MET A 160 -10.87 -4.51 -8.80
CA MET A 160 -10.87 -4.51 -8.80
C MET A 160 -11.54 -5.15 -10.00
N ASP A 161 -11.58 -4.45 -11.13
CA ASP A 161 -12.26 -5.00 -12.29
C ASP A 161 -11.61 -6.30 -12.76
N ILE A 162 -10.27 -6.33 -12.80
CA ILE A 162 -9.56 -7.56 -13.17
C ILE A 162 -9.79 -8.64 -12.13
N SER A 163 -9.69 -8.31 -10.86
CA SER A 163 -9.82 -9.32 -9.82
C SER A 163 -11.19 -9.98 -9.81
N LYS A 164 -12.21 -9.20 -10.05
CA LYS A 164 -13.56 -9.75 -10.06
C LYS A 164 -13.77 -10.69 -11.23
N LYS A 165 -13.13 -10.41 -12.37
CA LYS A 165 -13.26 -11.26 -13.55
CA LYS A 165 -13.27 -11.27 -13.54
C LYS A 165 -12.38 -12.50 -13.48
N GLU A 166 -11.20 -12.40 -12.86
CA GLU A 166 -10.18 -13.43 -13.01
C GLU A 166 -9.84 -14.23 -11.75
N MET A 167 -10.26 -13.79 -10.57
CA MET A 167 -9.86 -14.47 -9.35
C MET A 167 -11.09 -14.87 -8.53
N PRO A 168 -10.98 -15.94 -7.75
CA PRO A 168 -12.09 -16.30 -6.85
C PRO A 168 -12.21 -15.31 -5.72
N PRO A 169 -13.38 -15.23 -5.08
CA PRO A 169 -13.58 -14.23 -4.02
C PRO A 169 -12.73 -14.43 -2.78
N THR A 170 -12.11 -15.61 -2.62
CA THR A 170 -11.22 -15.85 -1.49
C THR A 170 -9.75 -15.61 -1.82
N ASN A 171 -9.43 -15.27 -3.06
CA ASN A 171 -8.03 -15.10 -3.42
C ASN A 171 -7.41 -14.03 -2.52
N PRO A 172 -6.30 -14.30 -1.83
CA PRO A 172 -5.76 -13.31 -0.89
C PRO A 172 -5.38 -11.99 -1.53
N ILE A 173 -4.93 -11.99 -2.79
CA ILE A 173 -4.63 -10.72 -3.45
C ILE A 173 -5.91 -9.91 -3.63
N ARG A 174 -6.95 -10.56 -4.14
CA ARG A 174 -8.25 -9.91 -4.27
C ARG A 174 -8.75 -9.37 -2.94
N LEU A 175 -8.64 -10.17 -1.87
CA LEU A 175 -9.11 -9.73 -0.56
C LEU A 175 -8.32 -8.54 -0.05
N GLY A 176 -6.99 -8.58 -0.18
CA GLY A 176 -6.18 -7.46 0.30
C GLY A 176 -6.41 -6.18 -0.49
N LEU A 177 -6.66 -6.32 -1.80
CA LEU A 177 -7.04 -5.17 -2.61
C LEU A 177 -8.35 -4.56 -2.13
N ALA A 178 -9.37 -5.39 -1.91
CA ALA A 178 -10.66 -4.88 -1.45
C ALA A 178 -10.52 -4.22 -0.08
N LEU A 179 -9.76 -4.84 0.82
CA LEU A 179 -9.49 -4.23 2.11
C LEU A 179 -8.91 -2.83 1.94
N ASN A 180 -7.85 -2.69 1.14
CA ASN A 180 -7.19 -1.39 1.01
C ASN A 180 -8.06 -0.38 0.27
N PHE A 181 -8.82 -0.82 -0.74
CA PHE A 181 -9.74 0.10 -1.41
C PHE A 181 -10.81 0.58 -0.44
N SER A 182 -11.27 -0.30 0.45
CA SER A 182 -12.25 0.12 1.45
CA SER A 182 -12.25 0.13 1.44
C SER A 182 -11.67 1.17 2.39
N VAL A 183 -10.40 1.00 2.76
CA VAL A 183 -9.71 2.00 3.58
C VAL A 183 -9.57 3.31 2.82
N PHE A 184 -9.26 3.24 1.52
CA PHE A 184 -9.24 4.43 0.69
C PHE A 184 -10.59 5.17 0.77
N HIS A 185 -11.69 4.45 0.62
CA HIS A 185 -13.00 5.10 0.66
C HIS A 185 -13.23 5.77 2.01
N TYR A 186 -12.88 5.11 3.10
CA TYR A 186 -13.19 5.61 4.43
C TYR A 186 -12.27 6.76 4.85
N GLU A 187 -10.97 6.62 4.58
N GLU A 187 -10.97 6.63 4.58
CA GLU A 187 -9.98 7.55 5.10
CA GLU A 187 -9.99 7.55 5.12
C GLU A 187 -9.64 8.68 4.14
C GLU A 187 -9.55 8.63 4.15
N ILE A 188 -9.72 8.44 2.85
CA ILE A 188 -9.27 9.39 1.84
C ILE A 188 -10.42 10.05 1.11
N ALA A 189 -11.40 9.26 0.66
CA ALA A 189 -12.43 9.73 -0.25
C ALA A 189 -13.69 10.21 0.45
N ASN A 190 -13.70 10.29 1.79
CA ASN A 190 -14.86 10.76 2.53
C ASN A 190 -16.12 9.99 2.14
N SER A 191 -15.97 8.68 1.96
CA SER A 191 -17.05 7.80 1.52
C SER A 191 -17.19 6.61 2.45
N PRO A 192 -17.53 6.85 3.72
CA PRO A 192 -17.65 5.71 4.65
C PRO A 192 -18.70 4.69 4.25
N GLU A 193 -19.80 5.11 3.64
CA GLU A 193 -20.80 4.12 3.25
C GLU A 193 -20.27 3.20 2.16
N GLU A 194 -19.52 3.75 1.19
CA GLU A 194 -18.91 2.89 0.18
C GLU A 194 -17.90 1.94 0.80
N ALA A 195 -17.14 2.43 1.78
CA ALA A 195 -16.16 1.60 2.48
C ALA A 195 -16.83 0.43 3.17
N ILE A 196 -17.92 0.70 3.90
CA ILE A 196 -18.64 -0.33 4.62
C ILE A 196 -19.27 -1.33 3.66
N SER A 197 -19.90 -0.84 2.59
CA SER A 197 -20.52 -1.73 1.62
CA SER A 197 -20.52 -1.72 1.61
C SER A 197 -19.50 -2.64 0.97
N LEU A 198 -18.35 -2.08 0.56
CA LEU A 198 -17.32 -2.91 -0.06
C LEU A 198 -16.81 -3.95 0.92
N ALA A 199 -16.54 -3.57 2.16
CA ALA A 199 -16.02 -4.53 3.12
C ALA A 199 -17.01 -5.65 3.38
N LYS A 200 -18.29 -5.29 3.51
CA LYS A 200 -19.34 -6.29 3.80
C LYS A 200 -19.50 -7.25 2.63
N THR A 201 -19.62 -6.72 1.41
CA THR A 201 -19.78 -7.58 0.25
C THR A 201 -18.56 -8.48 0.04
N THR A 202 -17.37 -7.94 0.21
CA THR A 202 -16.15 -8.73 0.08
C THR A 202 -16.13 -9.86 1.10
N PHE A 203 -16.42 -9.55 2.37
CA PHE A 203 -16.43 -10.56 3.41
C PHE A 203 -17.44 -11.66 3.11
N ASP A 204 -18.66 -11.28 2.71
CA ASP A 204 -19.71 -12.26 2.54
C ASP A 204 -19.44 -13.17 1.34
N GLU A 205 -18.93 -12.60 0.24
CA GLU A 205 -18.64 -13.43 -0.92
C GLU A 205 -17.46 -14.36 -0.65
N ALA A 206 -16.50 -13.93 0.17
CA ALA A 206 -15.41 -14.81 0.55
C ALA A 206 -15.91 -15.94 1.45
N MET A 207 -16.76 -15.61 2.43
N MET A 207 -16.74 -15.61 2.44
CA MET A 207 -17.30 -16.63 3.32
CA MET A 207 -17.34 -16.62 3.31
C MET A 207 -17.95 -17.77 2.54
C MET A 207 -17.91 -17.77 2.51
N ALA A 208 -18.70 -17.43 1.48
CA ALA A 208 -19.41 -18.43 0.69
C ALA A 208 -18.49 -19.26 -0.20
N ASP A 209 -17.24 -18.87 -0.35
CA ASP A 209 -16.28 -19.59 -1.18
C ASP A 209 -15.25 -20.36 -0.35
N LEU A 210 -15.27 -20.23 0.98
CA LEU A 210 -14.29 -20.91 1.81
C LEU A 210 -14.35 -22.42 1.67
N HIS A 211 -15.53 -22.98 1.39
CA HIS A 211 -15.69 -24.43 1.33
C HIS A 211 -14.83 -25.06 0.24
N THR A 212 -14.37 -24.27 -0.74
CA THR A 212 -13.58 -24.79 -1.84
C THR A 212 -12.10 -24.91 -1.53
N LEU A 213 -11.68 -24.45 -0.36
CA LEU A 213 -10.27 -24.23 -0.07
C LEU A 213 -9.68 -25.36 0.77
N SER A 214 -8.38 -25.57 0.58
CA SER A 214 -7.59 -26.40 1.47
C SER A 214 -7.44 -25.72 2.83
N GLU A 215 -6.91 -26.46 3.80
CA GLU A 215 -6.71 -25.90 5.13
C GLU A 215 -5.76 -24.71 5.10
N ASP A 216 -4.68 -24.79 4.31
CA ASP A 216 -3.72 -23.70 4.26
C ASP A 216 -4.30 -22.47 3.58
N SER A 217 -5.00 -22.66 2.45
CA SER A 217 -5.65 -21.54 1.79
C SER A 217 -6.73 -20.93 2.67
N TYR A 218 -7.47 -21.77 3.39
CA TYR A 218 -8.47 -21.27 4.33
CA TYR A 218 -8.46 -21.28 4.33
C TYR A 218 -7.84 -20.35 5.36
N LYS A 219 -6.68 -20.72 5.90
CA LYS A 219 -6.01 -19.85 6.86
C LYS A 219 -5.59 -18.53 6.22
N ASP A 220 -5.03 -18.59 4.99
CA ASP A 220 -4.64 -17.35 4.31
C ASP A 220 -5.82 -16.41 4.13
N SER A 221 -6.93 -16.94 3.62
CA SER A 221 -8.09 -16.11 3.31
C SER A 221 -8.75 -15.57 4.58
N THR A 222 -8.93 -16.42 5.60
CA THR A 222 -9.64 -15.97 6.80
C THR A 222 -8.85 -14.92 7.57
N LEU A 223 -7.51 -14.95 7.47
CA LEU A 223 -6.71 -13.91 8.12
CA LEU A 223 -6.73 -13.91 8.12
C LEU A 223 -7.08 -12.53 7.58
N ILE A 224 -7.20 -12.41 6.25
CA ILE A 224 -7.55 -11.12 5.66
C ILE A 224 -9.00 -10.78 5.91
N MET A 225 -9.88 -11.79 5.89
CA MET A 225 -11.28 -11.55 6.21
C MET A 225 -11.43 -10.94 7.59
N GLN A 226 -10.59 -11.35 8.53
CA GLN A 226 -10.66 -10.81 9.88
C GLN A 226 -10.34 -9.33 9.90
N LEU A 227 -9.42 -8.89 9.05
CA LEU A 227 -9.15 -7.45 8.94
C LEU A 227 -10.35 -6.69 8.41
N LEU A 228 -11.06 -7.27 7.43
CA LEU A 228 -12.29 -6.64 6.97
C LEU A 228 -13.30 -6.53 8.11
N ARG A 229 -13.42 -7.59 8.91
CA ARG A 229 -14.35 -7.56 10.03
CA ARG A 229 -14.34 -7.57 10.04
C ARG A 229 -13.93 -6.55 11.08
N ASP A 230 -12.62 -6.47 11.36
CA ASP A 230 -12.11 -5.50 12.33
C ASP A 230 -12.48 -4.08 11.92
N ASN A 231 -12.35 -3.79 10.62
CA ASN A 231 -12.73 -2.46 10.15
C ASN A 231 -14.23 -2.22 10.27
N LEU A 232 -15.04 -3.21 9.88
CA LEU A 232 -16.48 -3.06 10.01
C LEU A 232 -16.89 -2.82 11.46
N THR A 233 -16.21 -3.47 12.40
CA THR A 233 -16.48 -3.25 13.82
C THR A 233 -16.11 -1.83 14.24
N LEU A 234 -15.00 -1.31 13.70
CA LEU A 234 -14.59 0.06 13.98
C LEU A 234 -15.53 1.08 13.35
N TRP A 235 -16.08 0.77 12.17
CA TRP A 235 -16.82 1.74 11.37
C TRP A 235 -18.32 1.76 11.66
N THR A 236 -18.85 0.75 12.34
CA THR A 236 -20.29 0.66 12.58
C THR A 236 -20.59 0.49 14.06
N SER B 5 -8.47 2.86 10.76
CA SER B 5 -8.79 1.73 9.90
C SER B 5 -7.55 0.90 9.62
N ASN B 6 -7.74 -0.41 9.52
CA ASN B 6 -6.65 -1.34 9.29
C ASN B 6 -6.50 -1.64 7.81
N LEU B 8 -4.02 -3.71 4.80
CA LEU B 8 -3.35 -5.00 4.75
C LEU B 8 -2.00 -4.95 5.43
#